data_5W9R
#
_entry.id   5W9R
#
_cell.length_a   48.010
_cell.length_b   73.250
_cell.length_c   65.240
_cell.angle_alpha   90.00
_cell.angle_beta   98.66
_cell.angle_gamma   90.00
#
_symmetry.space_group_name_H-M   'P 1 21 1'
#
loop_
_entity.id
_entity.type
_entity.pdbx_description
1 polymer 'Calmodulin-domain protein kinase 1'
2 non-polymer 1-tert-butyl-3-[(1H-indol-3-yl)methyl]-1H-pyrazolo[3,4-d]pyrimidin-4-amine
3 water water
#
_entity_poly.entity_id   1
_entity_poly.type   'polypeptide(L)'
_entity_poly.pdbx_seq_one_letter_code
;GPGSMMDHLHATPGMFVQHSTAIFSDRYKGQRVLGKGSFGEVILCKDKITGQECAVKVISKRQVKQKTDKESLLREVQLL
KQLDHPNIMKLYEFFEDKGYFYLVGEVYTGGELFDEIISRKRFSEVDAARIIRQVLSGITYMHKNKIVHRDLKPENLLLE
SKSKDANIRIIDFGLSTHFEASKKMKDKIGTAYYIAPEVLHGTYDEKCDVWSTGVILYILLSGCPPFNGANEYDILKKVE
KGKYTFELPQWKKVSESAKDLIRKMLTYVPSMRISARDALDHEWIQTYTKEQISVDVPSLDNAILNIRQFQGTQKLAQAA
LLYMGSKLTSQDETKELTAIFHKMDKNGDGQLDRAELIEGYKELMRMKGQDASMLDASAVEHEVDQVLDAVDFDKNGYIE
YSEFVTVAMDRKTLLSRERLERAFRMFDSDNSGKISSTELATIFGVSDVDSETWKSVLSEVDKNNDGEVDFDEFQQMLLK
LCGN
;
_entity_poly.pdbx_strand_id   A
#
loop_
_chem_comp.id
_chem_comp.type
_chem_comp.name
_chem_comp.formula
9YG non-polymer 1-tert-butyl-3-[(1H-indol-3-yl)methyl]-1H-pyrazolo[3,4-d]pyrimidin-4-amine 'C18 H20 N6'
#
# COMPACT_ATOMS: atom_id res chain seq x y z
N THR A 21 -20.38 13.77 -20.33
CA THR A 21 -19.23 13.01 -19.85
C THR A 21 -19.23 11.60 -20.45
N ALA A 22 -18.05 11.09 -20.83
CA ALA A 22 -17.91 9.76 -21.43
C ALA A 22 -17.98 8.67 -20.36
N ILE A 23 -18.23 7.42 -20.78
CA ILE A 23 -18.34 6.26 -19.88
C ILE A 23 -17.02 5.47 -19.92
N PHE A 24 -16.53 5.03 -18.75
CA PHE A 24 -15.27 4.31 -18.63
C PHE A 24 -15.34 2.90 -19.26
N SER A 25 -16.39 2.13 -18.93
CA SER A 25 -16.56 0.75 -19.42
C SER A 25 -16.65 0.66 -20.96
N ASP A 26 -17.15 1.73 -21.62
CA ASP A 26 -17.25 1.76 -23.08
C ASP A 26 -15.86 1.84 -23.75
N ARG A 27 -14.85 2.41 -23.06
CA ARG A 27 -13.49 2.54 -23.59
C ARG A 27 -12.55 1.44 -23.07
N TYR A 28 -12.73 0.97 -21.82
CA TYR A 28 -11.79 0.01 -21.21
C TYR A 28 -12.49 -1.24 -20.68
N LYS A 29 -11.69 -2.31 -20.50
CA LYS A 29 -12.15 -3.59 -19.96
C LYS A 29 -11.12 -4.11 -18.96
N GLY A 30 -11.60 -4.62 -17.83
CA GLY A 30 -10.73 -5.14 -16.77
C GLY A 30 -10.09 -6.47 -17.11
N GLN A 31 -8.76 -6.59 -16.90
CA GLN A 31 -8.01 -7.81 -17.19
C GLN A 31 -7.72 -8.56 -15.88
N ARG A 32 -7.13 -7.88 -14.89
CA ARG A 32 -6.82 -8.50 -13.59
C ARG A 32 -6.56 -7.43 -12.53
N VAL A 33 -6.65 -7.82 -11.25
CA VAL A 33 -6.40 -6.91 -10.12
C VAL A 33 -4.90 -6.87 -9.86
N LEU A 34 -4.29 -5.69 -9.93
CA LEU A 34 -2.85 -5.54 -9.68
C LEU A 34 -2.55 -5.45 -8.18
N GLY A 35 -3.41 -4.75 -7.43
CA GLY A 35 -3.26 -4.64 -5.99
C GLY A 35 -4.11 -3.55 -5.35
N LYS A 36 -3.80 -3.22 -4.10
CA LYS A 36 -4.51 -2.20 -3.32
C LYS A 36 -3.57 -1.03 -3.03
N GLY A 37 -3.96 0.17 -3.48
CA GLY A 37 -3.19 1.39 -3.25
C GLY A 37 -3.96 2.38 -2.40
N SER A 38 -3.42 3.60 -2.25
CA SER A 38 -4.07 4.65 -1.47
C SER A 38 -5.35 5.12 -2.16
N PHE A 39 -6.47 5.21 -1.40
CA PHE A 39 -7.79 5.66 -1.86
C PHE A 39 -8.56 4.64 -2.75
N GLY A 40 -7.95 3.50 -3.12
CA GLY A 40 -8.67 2.53 -3.94
C GLY A 40 -7.86 1.38 -4.50
N GLU A 41 -8.56 0.47 -5.21
CA GLU A 41 -7.95 -0.69 -5.86
C GLU A 41 -7.43 -0.29 -7.23
N VAL A 42 -6.36 -0.96 -7.70
CA VAL A 42 -5.75 -0.70 -8.99
C VAL A 42 -6.01 -1.91 -9.89
N ILE A 43 -6.72 -1.70 -11.01
CA ILE A 43 -7.08 -2.76 -11.95
C ILE A 43 -6.27 -2.61 -13.24
N LEU A 44 -5.74 -3.72 -13.77
CA LEU A 44 -5.06 -3.71 -15.07
C LEU A 44 -6.16 -3.72 -16.12
N CYS A 45 -6.34 -2.61 -16.84
CA CYS A 45 -7.37 -2.51 -17.86
C CYS A 45 -6.73 -2.37 -19.22
N LYS A 46 -7.47 -2.70 -20.27
CA LYS A 46 -6.99 -2.66 -21.64
C LYS A 46 -7.98 -1.92 -22.53
N ASP A 47 -7.48 -1.03 -23.42
CA ASP A 47 -8.35 -0.28 -24.34
C ASP A 47 -8.98 -1.26 -25.33
N LYS A 48 -10.29 -1.12 -25.58
CA LYS A 48 -11.04 -2.04 -26.44
C LYS A 48 -10.75 -1.85 -27.95
N ILE A 49 -10.02 -0.78 -28.35
CA ILE A 49 -9.68 -0.54 -29.77
C ILE A 49 -8.16 -0.67 -29.98
N THR A 50 -7.38 0.21 -29.34
CA THR A 50 -5.92 0.24 -29.53
C THR A 50 -5.19 -0.91 -28.82
N GLY A 51 -5.79 -1.46 -27.77
CA GLY A 51 -5.17 -2.54 -26.99
C GLY A 51 -4.09 -2.07 -26.01
N GLN A 52 -4.05 -0.76 -25.69
CA GLN A 52 -3.05 -0.22 -24.75
C GLN A 52 -3.41 -0.62 -23.31
N GLU A 53 -2.46 -1.28 -22.61
CA GLU A 53 -2.66 -1.67 -21.21
C GLU A 53 -2.50 -0.46 -20.31
N CYS A 54 -3.37 -0.33 -19.27
CA CYS A 54 -3.32 0.80 -18.33
CA CYS A 54 -3.37 0.81 -18.34
C CYS A 54 -3.67 0.33 -16.92
N ALA A 55 -3.10 1.01 -15.90
CA ALA A 55 -3.36 0.71 -14.49
C ALA A 55 -4.34 1.76 -14.00
N VAL A 56 -5.60 1.37 -13.77
CA VAL A 56 -6.67 2.30 -13.38
C VAL A 56 -6.96 2.21 -11.89
N LYS A 57 -6.77 3.33 -11.16
CA LYS A 57 -7.09 3.39 -9.73
C LYS A 57 -8.57 3.76 -9.58
N VAL A 58 -9.37 2.85 -8.98
CA VAL A 58 -10.81 3.06 -8.81
C VAL A 58 -11.09 3.55 -7.37
N ILE A 59 -11.41 4.84 -7.22
CA ILE A 59 -11.71 5.46 -5.92
C ILE A 59 -13.22 5.50 -5.71
N SER A 60 -13.73 4.77 -4.70
CA SER A 60 -15.16 4.75 -4.38
C SER A 60 -15.55 6.06 -3.68
N LYS A 61 -16.58 6.75 -4.18
CA LYS A 61 -17.03 8.03 -3.61
C LYS A 61 -17.61 7.87 -2.19
N ARG A 62 -18.18 6.69 -1.87
CA ARG A 62 -18.75 6.44 -0.54
C ARG A 62 -17.65 6.29 0.51
N GLN A 63 -16.62 5.47 0.22
CA GLN A 63 -15.54 5.19 1.16
C GLN A 63 -14.47 6.30 1.21
N VAL A 64 -14.40 7.19 0.19
CA VAL A 64 -13.39 8.26 0.13
C VAL A 64 -14.08 9.61 -0.06
N LYS A 65 -13.95 10.52 0.93
CA LYS A 65 -14.55 11.86 0.87
C LYS A 65 -13.60 12.83 0.19
N GLN A 66 -14.15 13.79 -0.58
CA GLN A 66 -13.37 14.80 -1.28
C GLN A 66 -13.09 16.01 -0.38
N LYS A 67 -11.85 16.52 -0.42
CA LYS A 67 -11.44 17.71 0.34
C LYS A 67 -11.75 18.99 -0.44
N THR A 68 -11.80 18.89 -1.79
CA THR A 68 -12.05 20.03 -2.67
C THR A 68 -13.32 19.81 -3.50
N ASP A 69 -13.73 20.83 -4.27
CA ASP A 69 -14.94 20.75 -5.12
C ASP A 69 -14.61 20.06 -6.46
N LYS A 70 -15.63 19.83 -7.31
CA LYS A 70 -15.45 19.14 -8.60
C LYS A 70 -14.62 19.96 -9.59
N GLU A 71 -14.84 21.29 -9.66
CA GLU A 71 -14.09 22.15 -10.59
C GLU A 71 -12.58 22.18 -10.26
N SER A 72 -12.22 22.11 -8.96
CA SER A 72 -10.81 22.10 -8.55
C SER A 72 -10.13 20.78 -8.92
N LEU A 73 -10.85 19.64 -8.77
CA LEU A 73 -10.32 18.32 -9.11
C LEU A 73 -10.12 18.20 -10.62
N LEU A 74 -11.09 18.67 -11.42
CA LEU A 74 -11.00 18.63 -12.88
C LEU A 74 -9.82 19.49 -13.41
N ARG A 75 -9.54 20.62 -12.74
CA ARG A 75 -8.45 21.52 -13.14
C ARG A 75 -7.08 20.91 -12.79
N GLU A 76 -6.95 20.21 -11.64
CA GLU A 76 -5.70 19.57 -11.26
C GLU A 76 -5.41 18.38 -12.16
N VAL A 77 -6.44 17.56 -12.43
CA VAL A 77 -6.33 16.39 -13.31
C VAL A 77 -5.88 16.83 -14.71
N GLN A 78 -6.47 17.93 -15.22
CA GLN A 78 -6.10 18.49 -16.53
C GLN A 78 -4.61 18.84 -16.58
N LEU A 79 -4.08 19.47 -15.51
CA LEU A 79 -2.66 19.81 -15.42
C LEU A 79 -1.83 18.53 -15.34
N LEU A 80 -2.16 17.63 -14.39
CA LEU A 80 -1.45 16.35 -14.18
C LEU A 80 -1.30 15.53 -15.48
N LYS A 81 -2.29 15.58 -16.39
CA LYS A 81 -2.22 14.86 -17.67
C LYS A 81 -1.12 15.44 -18.58
N GLN A 82 -0.97 16.78 -18.59
CA GLN A 82 0.01 17.46 -19.42
C GLN A 82 1.43 17.34 -18.86
N LEU A 83 1.58 17.04 -17.54
CA LEU A 83 2.89 16.91 -16.91
C LEU A 83 3.58 15.62 -17.34
N ASP A 84 4.91 15.65 -17.48
CA ASP A 84 5.69 14.49 -17.91
C ASP A 84 7.11 14.53 -17.32
N HIS A 85 7.52 13.44 -16.64
CA HIS A 85 8.86 13.31 -16.05
C HIS A 85 9.19 11.82 -15.93
N PRO A 86 10.45 11.38 -16.22
CA PRO A 86 10.75 9.94 -16.17
C PRO A 86 10.63 9.31 -14.77
N ASN A 87 10.66 10.12 -13.68
CA ASN A 87 10.53 9.59 -12.32
C ASN A 87 9.14 9.88 -11.70
N ILE A 88 8.13 10.23 -12.52
CA ILE A 88 6.75 10.49 -12.08
C ILE A 88 5.82 9.63 -12.93
N MET A 89 4.76 9.10 -12.31
CA MET A 89 3.79 8.28 -13.04
C MET A 89 3.02 9.10 -14.08
N LYS A 90 2.78 8.53 -15.26
CA LYS A 90 2.04 9.21 -16.32
C LYS A 90 0.53 8.92 -16.19
N LEU A 91 -0.29 9.98 -16.18
CA LEU A 91 -1.75 9.92 -16.12
C LEU A 91 -2.28 10.20 -17.52
N TYR A 92 -3.15 9.32 -18.05
CA TYR A 92 -3.66 9.46 -19.42
C TYR A 92 -5.09 10.02 -19.46
N GLU A 93 -6.02 9.43 -18.70
CA GLU A 93 -7.44 9.83 -18.73
C GLU A 93 -8.05 9.88 -17.33
N PHE A 94 -9.29 10.43 -17.25
CA PHE A 94 -10.06 10.55 -16.02
C PHE A 94 -11.54 10.39 -16.33
N PHE A 95 -12.25 9.55 -15.56
CA PHE A 95 -13.70 9.35 -15.71
C PHE A 95 -14.38 9.43 -14.36
N GLU A 96 -15.69 9.65 -14.37
CA GLU A 96 -16.48 9.79 -13.15
C GLU A 96 -17.93 9.37 -13.40
N ASP A 97 -18.53 8.64 -12.45
CA ASP A 97 -19.94 8.23 -12.53
C ASP A 97 -20.62 8.60 -11.19
N LYS A 98 -21.81 8.03 -10.89
CA LYS A 98 -22.55 8.37 -9.67
C LYS A 98 -21.77 8.07 -8.38
N GLY A 99 -21.05 6.94 -8.34
CA GLY A 99 -20.34 6.51 -7.14
C GLY A 99 -18.88 6.10 -7.28
N TYR A 100 -18.18 6.54 -8.36
CA TYR A 100 -16.76 6.17 -8.57
C TYR A 100 -15.97 7.23 -9.37
N PHE A 101 -14.63 7.18 -9.22
CA PHE A 101 -13.66 8.00 -9.95
C PHE A 101 -12.66 7.03 -10.57
N TYR A 102 -12.34 7.19 -11.86
CA TYR A 102 -11.39 6.30 -12.54
C TYR A 102 -10.17 7.07 -13.04
N LEU A 103 -9.06 6.99 -12.29
CA LEU A 103 -7.80 7.63 -12.66
C LEU A 103 -7.04 6.62 -13.53
N VAL A 104 -6.89 6.90 -14.84
CA VAL A 104 -6.24 5.98 -15.79
C VAL A 104 -4.79 6.41 -16.04
N GLY A 105 -3.84 5.54 -15.72
CA GLY A 105 -2.42 5.81 -15.93
C GLY A 105 -1.60 4.64 -16.43
N GLU A 106 -0.28 4.83 -16.52
CA GLU A 106 0.66 3.84 -17.06
C GLU A 106 0.93 2.70 -16.07
N VAL A 107 1.19 1.48 -16.61
CA VAL A 107 1.46 0.27 -15.83
C VAL A 107 2.97 0.14 -15.60
N TYR A 108 3.37 -0.27 -14.39
CA TYR A 108 4.78 -0.52 -14.05
C TYR A 108 4.87 -1.91 -13.41
N THR A 109 5.61 -2.82 -14.06
CA THR A 109 5.72 -4.23 -13.68
C THR A 109 6.90 -4.55 -12.73
N GLY A 110 7.76 -3.57 -12.46
CA GLY A 110 8.92 -3.76 -11.58
C GLY A 110 8.61 -3.93 -10.11
N GLY A 111 7.39 -3.57 -9.70
CA GLY A 111 6.96 -3.70 -8.31
C GLY A 111 7.55 -2.62 -7.43
N GLU A 112 7.41 -2.77 -6.10
CA GLU A 112 7.91 -1.79 -5.14
C GLU A 112 9.44 -1.79 -5.07
N LEU A 113 10.02 -0.64 -4.76
CA LEU A 113 11.47 -0.44 -4.65
C LEU A 113 12.10 -1.36 -3.59
N PHE A 114 11.50 -1.41 -2.39
CA PHE A 114 12.04 -2.19 -1.27
C PHE A 114 11.96 -3.70 -1.53
N ASP A 115 10.94 -4.17 -2.28
CA ASP A 115 10.83 -5.60 -2.63
C ASP A 115 12.03 -6.06 -3.49
N GLU A 116 12.62 -5.14 -4.28
CA GLU A 116 13.79 -5.44 -5.12
C GLU A 116 15.08 -5.41 -4.27
N ILE A 117 15.18 -4.47 -3.31
CA ILE A 117 16.38 -4.31 -2.47
C ILE A 117 16.56 -5.53 -1.53
N ILE A 118 15.46 -6.18 -1.09
CA ILE A 118 15.58 -7.35 -0.19
C ILE A 118 16.06 -8.60 -0.97
N SER A 119 15.84 -8.65 -2.30
CA SER A 119 16.24 -9.80 -3.12
C SER A 119 17.72 -9.75 -3.52
N ARG A 120 18.29 -8.53 -3.77
CA ARG A 120 19.69 -8.40 -4.18
C ARG A 120 20.63 -8.74 -3.01
N LYS A 121 21.86 -9.17 -3.34
CA LYS A 121 22.85 -9.57 -2.33
C LYS A 121 23.64 -8.37 -1.78
N ARG A 122 24.06 -7.43 -2.66
CA ARG A 122 24.87 -6.27 -2.25
C ARG A 122 24.15 -4.93 -2.53
N PHE A 123 24.17 -4.03 -1.54
CA PHE A 123 23.63 -2.67 -1.63
C PHE A 123 24.61 -1.70 -0.94
N SER A 124 24.90 -0.55 -1.56
CA SER A 124 25.84 0.44 -1.02
C SER A 124 25.28 1.87 -1.13
N GLU A 125 26.07 2.88 -0.73
CA GLU A 125 25.67 4.29 -0.82
C GLU A 125 25.50 4.73 -2.28
N VAL A 126 26.22 4.10 -3.24
CA VAL A 126 26.10 4.41 -4.68
C VAL A 126 24.70 4.02 -5.17
N ASP A 127 24.15 2.89 -4.66
CA ASP A 127 22.80 2.44 -5.02
C ASP A 127 21.77 3.39 -4.39
N ALA A 128 21.98 3.75 -3.10
CA ALA A 128 21.09 4.67 -2.38
C ALA A 128 21.10 6.07 -3.00
N ALA A 129 22.29 6.55 -3.43
CA ALA A 129 22.44 7.87 -4.06
C ALA A 129 21.69 7.93 -5.38
N ARG A 130 21.85 6.90 -6.23
CA ARG A 130 21.16 6.83 -7.52
C ARG A 130 19.64 6.74 -7.32
N ILE A 131 19.20 6.03 -6.26
CA ILE A 131 17.78 5.87 -5.92
C ILE A 131 17.18 7.22 -5.49
N ILE A 132 17.82 7.90 -4.52
CA ILE A 132 17.30 9.17 -3.97
C ILE A 132 17.47 10.31 -5.01
N ARG A 133 18.53 10.27 -5.85
CA ARG A 133 18.70 11.31 -6.90
C ARG A 133 17.51 11.30 -7.87
N GLN A 134 16.96 10.11 -8.16
CA GLN A 134 15.77 9.96 -9.01
C GLN A 134 14.53 10.50 -8.31
N VAL A 135 14.35 10.11 -7.04
CA VAL A 135 13.19 10.55 -6.24
C VAL A 135 13.20 12.07 -6.09
N LEU A 136 14.38 12.68 -5.85
CA LEU A 136 14.51 14.13 -5.75
C LEU A 136 14.22 14.81 -7.09
N SER A 137 14.70 14.24 -8.22
CA SER A 137 14.46 14.79 -9.55
C SER A 137 12.95 14.81 -9.87
N GLY A 138 12.22 13.79 -9.43
CA GLY A 138 10.78 13.72 -9.59
C GLY A 138 10.06 14.72 -8.72
N ILE A 139 10.48 14.83 -7.44
CA ILE A 139 9.88 15.76 -6.49
C ILE A 139 10.16 17.21 -6.93
N THR A 140 11.39 17.52 -7.38
CA THR A 140 11.77 18.86 -7.83
C THR A 140 10.87 19.30 -8.98
N TYR A 141 10.62 18.40 -9.94
CA TYR A 141 9.77 18.69 -11.09
C TYR A 141 8.33 18.99 -10.66
N MET A 142 7.78 18.17 -9.76
CA MET A 142 6.40 18.35 -9.30
C MET A 142 6.26 19.60 -8.41
N HIS A 143 7.33 20.03 -7.73
CA HIS A 143 7.30 21.22 -6.88
C HIS A 143 7.23 22.48 -7.75
N LYS A 144 7.98 22.52 -8.88
CA LYS A 144 7.95 23.65 -9.82
C LYS A 144 6.54 23.86 -10.40
N ASN A 145 5.75 22.78 -10.56
CA ASN A 145 4.37 22.85 -11.08
C ASN A 145 3.33 23.01 -9.93
N LYS A 146 3.78 23.34 -8.69
CA LYS A 146 2.94 23.59 -7.50
C LYS A 146 2.07 22.35 -7.14
N ILE A 147 2.68 21.15 -7.16
CA ILE A 147 1.99 19.91 -6.77
C ILE A 147 2.78 19.26 -5.64
N VAL A 148 2.07 18.85 -4.57
CA VAL A 148 2.67 18.24 -3.37
C VAL A 148 2.17 16.79 -3.23
N HIS A 149 3.03 15.89 -2.72
CA HIS A 149 2.63 14.49 -2.48
C HIS A 149 1.96 14.40 -1.11
N ARG A 150 2.68 14.78 -0.02
CA ARG A 150 2.21 14.74 1.38
C ARG A 150 2.36 13.35 2.02
N ASP A 151 2.02 12.27 1.28
CA ASP A 151 2.09 10.90 1.79
C ASP A 151 3.15 10.08 1.04
N LEU A 152 4.34 10.67 0.81
CA LEU A 152 5.42 9.96 0.12
C LEU A 152 5.98 8.88 1.06
N LYS A 153 6.15 7.66 0.54
CA LYS A 153 6.64 6.52 1.31
C LYS A 153 7.18 5.44 0.34
N PRO A 154 7.95 4.44 0.83
CA PRO A 154 8.48 3.40 -0.09
C PRO A 154 7.41 2.66 -0.93
N GLU A 155 6.19 2.50 -0.40
N GLU A 155 6.19 2.50 -0.40
CA GLU A 155 5.08 1.84 -1.09
CA GLU A 155 5.10 1.82 -1.13
C GLU A 155 4.71 2.58 -2.39
C GLU A 155 4.74 2.58 -2.43
N ASN A 156 4.93 3.92 -2.45
CA ASN A 156 4.66 4.73 -3.65
C ASN A 156 5.84 4.77 -4.63
N LEU A 157 6.99 4.17 -4.29
CA LEU A 157 8.15 4.13 -5.18
C LEU A 157 8.15 2.82 -5.97
N LEU A 158 7.46 2.80 -7.12
CA LEU A 158 7.42 1.62 -7.98
C LEU A 158 8.55 1.69 -9.00
N LEU A 159 9.01 0.52 -9.46
CA LEU A 159 10.06 0.42 -10.48
C LEU A 159 9.39 0.23 -11.85
N GLU A 160 9.85 0.99 -12.86
CA GLU A 160 9.25 0.99 -14.22
C GLU A 160 9.25 -0.40 -14.88
N SER A 161 10.29 -1.22 -14.66
CA SER A 161 10.37 -2.55 -15.28
C SER A 161 11.06 -3.57 -14.35
N LYS A 162 11.02 -4.86 -14.73
CA LYS A 162 11.60 -5.95 -13.95
C LYS A 162 13.15 -5.92 -13.96
N SER A 163 13.78 -5.20 -14.92
CA SER A 163 15.25 -5.10 -14.99
C SER A 163 15.82 -4.38 -13.76
N LYS A 164 17.07 -4.71 -13.39
CA LYS A 164 17.74 -4.09 -12.22
C LYS A 164 17.99 -2.60 -12.46
N ASP A 165 18.50 -2.25 -13.66
CA ASP A 165 18.76 -0.85 -14.02
C ASP A 165 17.48 -0.26 -14.63
N ALA A 166 16.48 0.03 -13.77
CA ALA A 166 15.18 0.56 -14.18
C ALA A 166 14.86 1.84 -13.40
N ASN A 167 14.16 2.79 -14.05
CA ASN A 167 13.81 4.06 -13.41
C ASN A 167 12.72 3.88 -12.36
N ILE A 168 12.76 4.72 -11.30
CA ILE A 168 11.79 4.70 -10.20
C ILE A 168 10.68 5.69 -10.53
N ARG A 169 9.42 5.22 -10.55
CA ARG A 169 8.26 6.08 -10.82
C ARG A 169 7.47 6.33 -9.52
N ILE A 170 7.31 7.61 -9.12
CA ILE A 170 6.56 7.97 -7.91
C ILE A 170 5.07 7.99 -8.27
N ILE A 171 4.21 7.36 -7.43
CA ILE A 171 2.77 7.29 -7.69
C ILE A 171 2.00 8.11 -6.63
N ASP A 172 0.73 8.44 -6.93
CA ASP A 172 -0.20 9.18 -6.07
C ASP A 172 0.26 10.64 -5.76
N PHE A 173 0.78 11.36 -6.76
CA PHE A 173 1.16 12.76 -6.54
C PHE A 173 -0.09 13.63 -6.69
N GLY A 174 -0.38 14.43 -5.67
CA GLY A 174 -1.52 15.34 -5.66
C GLY A 174 -2.86 14.76 -5.25
N LEU A 175 -2.95 13.45 -4.93
CA LEU A 175 -4.24 12.86 -4.54
C LEU A 175 -4.64 13.29 -3.13
N SER A 176 -3.67 13.36 -2.21
CA SER A 176 -3.89 13.77 -0.82
C SER A 176 -4.52 15.17 -0.71
N THR A 177 -4.24 16.05 -1.67
CA THR A 177 -4.79 17.42 -1.68
C THR A 177 -6.29 17.42 -2.00
N HIS A 178 -6.75 16.45 -2.83
CA HIS A 178 -8.15 16.39 -3.27
C HIS A 178 -8.98 15.28 -2.59
N PHE A 179 -8.35 14.30 -1.88
CA PHE A 179 -9.09 13.22 -1.24
C PHE A 179 -8.70 13.08 0.24
N GLU A 180 -9.70 12.83 1.10
CA GLU A 180 -9.48 12.69 2.56
C GLU A 180 -8.84 11.33 2.87
N ALA A 181 -7.79 11.35 3.71
CA ALA A 181 -7.08 10.13 4.09
C ALA A 181 -7.96 9.22 4.96
N SER A 182 -7.72 7.92 4.89
CA SER A 182 -8.50 6.93 5.65
C SER A 182 -8.12 6.95 7.13
N LYS A 183 -9.09 6.62 7.99
CA LYS A 183 -8.89 6.50 9.44
C LYS A 183 -8.78 5.03 9.85
N LYS A 184 -8.91 4.09 8.87
CA LYS A 184 -8.80 2.65 9.13
C LYS A 184 -7.33 2.27 9.16
N MET A 185 -6.93 1.43 10.13
CA MET A 185 -5.53 1.04 10.30
C MET A 185 -5.01 0.21 9.12
N LYS A 186 -5.88 -0.58 8.45
CA LYS A 186 -5.47 -1.36 7.27
C LYS A 186 -4.95 -0.46 6.13
N ASP A 187 -5.41 0.81 6.08
CA ASP A 187 -4.99 1.78 5.06
C ASP A 187 -3.85 2.72 5.56
N LYS A 188 -3.62 2.80 6.89
CA LYS A 188 -2.57 3.65 7.49
C LYS A 188 -1.29 2.85 7.89
N ILE A 189 -1.10 1.60 7.40
CA ILE A 189 0.10 0.81 7.76
C ILE A 189 1.38 1.48 7.22
N GLY A 190 2.30 1.78 8.13
CA GLY A 190 3.60 2.36 7.81
C GLY A 190 3.60 3.82 7.38
N THR A 191 2.48 4.54 7.53
CA THR A 191 2.43 5.95 7.10
C THR A 191 3.09 6.88 8.14
N ALA A 192 2.89 6.59 9.45
CA ALA A 192 3.41 7.41 10.56
C ALA A 192 4.95 7.59 10.52
N TYR A 193 5.69 6.64 9.94
CA TYR A 193 7.16 6.73 9.88
C TYR A 193 7.63 7.90 9.03
N TYR A 194 7.00 8.11 7.87
CA TYR A 194 7.44 9.09 6.86
C TYR A 194 6.67 10.42 6.90
N ILE A 195 5.57 10.52 7.66
CA ILE A 195 4.77 11.75 7.69
C ILE A 195 5.61 12.87 8.36
N ALA A 196 5.56 14.09 7.77
CA ALA A 196 6.31 15.24 8.31
C ALA A 196 5.59 15.80 9.54
N PRO A 197 6.32 16.42 10.50
CA PRO A 197 5.64 16.94 11.72
C PRO A 197 4.66 18.07 11.44
N GLU A 198 4.97 18.93 10.46
CA GLU A 198 4.12 20.07 10.11
C GLU A 198 2.77 19.61 9.51
N VAL A 199 2.70 18.41 8.91
CA VAL A 199 1.47 17.88 8.35
C VAL A 199 0.51 17.47 9.48
N LEU A 200 1.05 17.02 10.62
CA LEU A 200 0.22 16.61 11.76
C LEU A 200 -0.42 17.82 12.45
N HIS A 201 0.22 19.00 12.38
CA HIS A 201 -0.28 20.22 13.04
C HIS A 201 -1.15 21.10 12.10
N GLY A 202 -1.23 20.76 10.81
CA GLY A 202 -2.10 21.48 9.87
C GLY A 202 -1.40 22.39 8.87
N THR A 203 -0.44 23.20 9.34
CA THR A 203 0.27 24.14 8.46
C THR A 203 1.43 23.42 7.79
N TYR A 204 1.38 23.23 6.48
CA TYR A 204 2.46 22.58 5.74
C TYR A 204 2.51 23.04 4.28
N ASP A 205 3.68 22.88 3.65
CA ASP A 205 3.91 23.22 2.25
C ASP A 205 4.68 22.07 1.57
N GLU A 206 5.24 22.29 0.36
CA GLU A 206 5.96 21.26 -0.40
C GLU A 206 7.22 20.70 0.34
N LYS A 207 7.75 21.39 1.37
CA LYS A 207 8.93 20.90 2.11
C LYS A 207 8.66 19.58 2.87
N CYS A 208 7.38 19.20 3.09
CA CYS A 208 7.04 17.94 3.76
C CYS A 208 7.54 16.72 2.94
N ASP A 209 7.67 16.86 1.61
CA ASP A 209 8.16 15.77 0.75
C ASP A 209 9.66 15.55 0.91
N VAL A 210 10.42 16.59 1.32
CA VAL A 210 11.86 16.46 1.54
C VAL A 210 12.09 15.65 2.83
N TRP A 211 11.29 15.90 3.87
CA TRP A 211 11.34 15.16 5.14
C TRP A 211 11.10 13.67 4.87
N SER A 212 10.01 13.36 4.15
CA SER A 212 9.64 11.99 3.81
C SER A 212 10.76 11.27 3.05
N THR A 213 11.40 11.96 2.07
CA THR A 213 12.52 11.41 1.31
C THR A 213 13.74 11.24 2.24
N GLY A 214 13.90 12.16 3.19
CA GLY A 214 14.95 12.09 4.20
C GLY A 214 14.82 10.86 5.08
N VAL A 215 13.57 10.50 5.44
CA VAL A 215 13.28 9.31 6.25
C VAL A 215 13.56 8.05 5.41
N ILE A 216 13.22 8.08 4.10
CA ILE A 216 13.49 6.94 3.20
C ILE A 216 15.01 6.75 3.08
N LEU A 217 15.76 7.85 2.83
CA LEU A 217 17.23 7.83 2.76
C LEU A 217 17.83 7.26 4.07
N TYR A 218 17.25 7.63 5.23
CA TYR A 218 17.71 7.12 6.52
C TYR A 218 17.56 5.58 6.57
N ILE A 219 16.38 5.06 6.15
CA ILE A 219 16.11 3.62 6.15
C ILE A 219 16.97 2.90 5.09
N LEU A 220 17.25 3.52 3.94
CA LEU A 220 18.07 2.86 2.91
C LEU A 220 19.51 2.60 3.41
N LEU A 221 20.08 3.51 4.22
CA LEU A 221 21.47 3.37 4.72
C LEU A 221 21.57 2.67 6.09
N SER A 222 20.44 2.42 6.81
CA SER A 222 20.47 1.71 8.11
C SER A 222 19.50 0.52 8.18
N GLY A 223 18.29 0.70 7.66
CA GLY A 223 17.26 -0.33 7.66
C GLY A 223 16.31 -0.27 8.85
N CYS A 224 16.49 0.76 9.71
CA CYS A 224 15.66 0.98 10.89
C CYS A 224 15.14 2.42 10.79
N PRO A 225 13.81 2.67 10.91
CA PRO A 225 13.34 4.07 10.82
C PRO A 225 13.95 4.99 11.88
N PRO A 226 14.15 6.29 11.55
CA PRO A 226 14.70 7.23 12.55
C PRO A 226 13.72 7.48 13.69
N PHE A 227 12.42 7.62 13.37
CA PHE A 227 11.36 7.80 14.36
C PHE A 227 10.59 6.49 14.42
N ASN A 228 10.92 5.63 15.40
CA ASN A 228 10.35 4.30 15.55
C ASN A 228 9.52 4.19 16.83
N GLY A 229 8.66 3.18 16.89
CA GLY A 229 7.83 2.94 18.07
C GLY A 229 7.08 1.62 18.03
N ALA A 230 6.54 1.20 19.19
CA ALA A 230 5.79 -0.05 19.31
C ALA A 230 4.32 0.11 18.84
N ASN A 231 3.89 1.33 18.47
CA ASN A 231 2.53 1.57 17.98
C ASN A 231 2.48 2.88 17.21
N GLU A 232 1.35 3.14 16.52
CA GLU A 232 1.17 4.33 15.68
C GLU A 232 1.35 5.64 16.47
N TYR A 233 0.72 5.75 17.65
CA TYR A 233 0.82 6.98 18.44
C TYR A 233 2.25 7.17 19.02
N ASP A 234 2.98 6.08 19.31
CA ASP A 234 4.36 6.17 19.80
C ASP A 234 5.30 6.61 18.68
N ILE A 235 5.01 6.22 17.42
CA ILE A 235 5.82 6.64 16.26
C ILE A 235 5.57 8.14 16.02
N LEU A 236 4.30 8.57 16.02
CA LEU A 236 3.95 9.99 15.81
C LEU A 236 4.51 10.88 16.94
N LYS A 237 4.63 10.34 18.17
CA LYS A 237 5.20 11.08 19.31
C LYS A 237 6.68 11.43 19.04
N LYS A 238 7.45 10.47 18.50
CA LYS A 238 8.87 10.69 18.16
C LYS A 238 9.01 11.66 16.98
N VAL A 239 8.11 11.55 15.99
CA VAL A 239 8.12 12.43 14.81
C VAL A 239 7.81 13.86 15.22
N GLU A 240 6.78 14.04 16.05
CA GLU A 240 6.36 15.36 16.54
C GLU A 240 7.48 16.02 17.35
N LYS A 241 8.21 15.24 18.18
CA LYS A 241 9.36 15.77 18.93
C LYS A 241 10.49 16.12 17.95
N GLY A 242 10.65 15.30 16.91
CA GLY A 242 11.61 15.53 15.84
C GLY A 242 13.04 15.14 16.13
N LYS A 243 13.29 14.44 17.25
CA LYS A 243 14.65 14.03 17.63
C LYS A 243 14.98 12.63 17.09
N TYR A 244 16.20 12.47 16.56
CA TYR A 244 16.71 11.20 16.04
C TYR A 244 18.25 11.21 16.17
N THR A 245 18.87 10.01 16.18
CA THR A 245 20.32 9.90 16.32
C THR A 245 20.90 8.92 15.31
N PHE A 246 22.21 9.05 15.03
CA PHE A 246 22.93 8.11 14.17
C PHE A 246 23.76 7.18 15.09
N GLU A 247 23.17 6.74 16.22
CA GLU A 247 23.85 5.94 17.24
C GLU A 247 23.54 4.44 17.06
N LEU A 248 24.01 3.87 15.94
CA LEU A 248 23.88 2.45 15.64
C LEU A 248 25.19 1.99 14.97
N PRO A 249 25.59 0.70 15.08
CA PRO A 249 26.85 0.27 14.45
C PRO A 249 26.86 0.44 12.93
N GLN A 250 25.69 0.25 12.28
CA GLN A 250 25.55 0.38 10.81
C GLN A 250 25.87 1.81 10.27
N TRP A 251 25.79 2.87 11.12
CA TRP A 251 26.11 4.23 10.67
C TRP A 251 27.64 4.50 10.64
N LYS A 252 28.47 3.59 11.20
CA LYS A 252 29.94 3.76 11.18
C LYS A 252 30.52 3.61 9.77
N LYS A 253 29.99 2.64 8.98
CA LYS A 253 30.47 2.40 7.61
C LYS A 253 29.99 3.49 6.62
N VAL A 254 28.95 4.26 6.98
CA VAL A 254 28.38 5.31 6.12
C VAL A 254 29.24 6.60 6.23
N SER A 255 29.27 7.40 5.14
CA SER A 255 30.06 8.64 5.07
C SER A 255 29.41 9.77 5.89
N GLU A 256 30.18 10.86 6.13
CA GLU A 256 29.69 12.03 6.87
C GLU A 256 28.79 12.90 6.00
N SER A 257 29.04 12.97 4.67
CA SER A 257 28.22 13.76 3.75
C SER A 257 26.80 13.17 3.64
N ALA A 258 26.67 11.83 3.73
CA ALA A 258 25.36 11.16 3.71
C ALA A 258 24.55 11.60 4.93
N LYS A 259 25.22 11.73 6.09
CA LYS A 259 24.58 12.17 7.33
C LYS A 259 24.24 13.66 7.26
N ASP A 260 25.11 14.49 6.62
CA ASP A 260 24.86 15.92 6.48
C ASP A 260 23.60 16.18 5.66
N LEU A 261 23.39 15.41 4.58
CA LEU A 261 22.19 15.54 3.75
C LEU A 261 20.96 15.14 4.56
N ILE A 262 21.05 14.05 5.35
CA ILE A 262 19.97 13.58 6.21
C ILE A 262 19.64 14.66 7.25
N ARG A 263 20.68 15.26 7.87
CA ARG A 263 20.48 16.32 8.87
C ARG A 263 19.76 17.53 8.25
N LYS A 264 20.09 17.86 6.99
CA LYS A 264 19.45 18.97 6.28
C LYS A 264 18.03 18.59 5.84
N MET A 265 17.81 17.34 5.39
CA MET A 265 16.49 16.88 4.95
C MET A 265 15.53 16.68 6.14
N LEU A 266 16.05 16.34 7.34
CA LEU A 266 15.21 16.14 8.52
C LEU A 266 15.32 17.34 9.50
N THR A 267 15.39 18.58 8.96
CA THR A 267 15.39 19.79 9.79
C THR A 267 13.94 20.04 10.17
N TYR A 268 13.67 20.27 11.46
CA TYR A 268 12.30 20.41 11.96
C TYR A 268 11.56 21.59 11.32
N VAL A 269 12.16 22.78 11.32
CA VAL A 269 11.52 23.99 10.78
C VAL A 269 11.56 23.91 9.23
N PRO A 270 10.40 23.90 8.53
CA PRO A 270 10.43 23.72 7.07
C PRO A 270 11.13 24.87 6.31
N SER A 271 11.09 26.11 6.82
CA SER A 271 11.78 27.23 6.15
C SER A 271 13.31 27.02 6.18
N MET A 272 13.85 26.45 7.27
CA MET A 272 15.29 26.17 7.40
C MET A 272 15.67 24.89 6.63
N ARG A 273 14.70 23.99 6.40
CA ARG A 273 14.92 22.73 5.69
C ARG A 273 15.32 22.95 4.24
N ILE A 274 16.17 22.06 3.71
CA ILE A 274 16.65 22.13 2.33
C ILE A 274 15.49 21.84 1.35
N SER A 275 15.58 22.39 0.13
CA SER A 275 14.59 22.17 -0.90
C SER A 275 14.94 20.89 -1.67
N ALA A 276 14.03 20.41 -2.52
CA ALA A 276 14.30 19.23 -3.34
C ALA A 276 15.35 19.55 -4.41
N ARG A 277 15.34 20.79 -4.94
CA ARG A 277 16.30 21.24 -5.95
C ARG A 277 17.72 21.34 -5.37
N ASP A 278 17.87 21.97 -4.19
CA ASP A 278 19.17 22.14 -3.55
C ASP A 278 19.72 20.80 -3.02
N ALA A 279 18.86 19.81 -2.75
CA ALA A 279 19.30 18.49 -2.28
C ALA A 279 20.07 17.73 -3.37
N LEU A 280 19.75 17.98 -4.67
CA LEU A 280 20.46 17.34 -5.79
C LEU A 280 21.90 17.85 -5.91
N ASP A 281 22.13 19.14 -5.61
CA ASP A 281 23.47 19.76 -5.69
C ASP A 281 24.35 19.43 -4.46
N HIS A 282 23.83 18.66 -3.47
CA HIS A 282 24.60 18.32 -2.26
C HIS A 282 25.84 17.48 -2.60
N GLU A 283 26.89 17.61 -1.77
CA GLU A 283 28.17 16.90 -1.97
C GLU A 283 27.99 15.37 -2.04
N TRP A 284 27.03 14.79 -1.29
CA TRP A 284 26.78 13.35 -1.31
C TRP A 284 26.20 12.88 -2.65
N ILE A 285 25.19 13.61 -3.17
CA ILE A 285 24.55 13.24 -4.44
C ILE A 285 25.54 13.46 -5.61
N GLN A 286 26.33 14.54 -5.58
CA GLN A 286 27.27 14.83 -6.67
C GLN A 286 28.47 13.86 -6.70
N THR A 287 28.91 13.36 -5.53
CA THR A 287 30.08 12.45 -5.45
C THR A 287 29.70 10.99 -5.76
N TYR A 288 28.59 10.49 -5.20
CA TYR A 288 28.21 9.07 -5.33
C TYR A 288 27.42 8.75 -6.63
N THR A 289 27.07 9.75 -7.47
CA THR A 289 26.39 9.48 -8.76
C THR A 289 27.37 9.73 -9.92
N LYS A 290 27.99 10.93 -9.95
CA LYS A 290 28.96 11.29 -10.99
C LYS A 290 30.34 10.73 -10.65
N ASP A 296 36.21 4.94 -2.05
CA ASP A 296 35.77 3.56 -1.91
C ASP A 296 34.28 3.48 -1.57
N VAL A 297 33.58 2.47 -2.12
CA VAL A 297 32.15 2.26 -1.88
C VAL A 297 31.92 0.85 -1.28
N PRO A 298 31.87 0.72 0.07
CA PRO A 298 31.67 -0.60 0.67
C PRO A 298 30.19 -0.98 0.75
N SER A 299 29.90 -2.29 0.76
CA SER A 299 28.52 -2.79 0.84
C SER A 299 27.97 -2.66 2.26
N LEU A 300 26.71 -2.24 2.39
CA LEU A 300 26.02 -2.09 3.67
C LEU A 300 25.22 -3.37 3.94
N ASP A 301 25.89 -4.43 4.41
CA ASP A 301 25.27 -5.74 4.64
C ASP A 301 24.27 -5.70 5.80
N ASN A 302 24.59 -4.99 6.90
CA ASN A 302 23.69 -4.89 8.06
C ASN A 302 22.38 -4.20 7.68
N ALA A 303 22.44 -3.21 6.76
CA ALA A 303 21.24 -2.49 6.33
C ALA A 303 20.29 -3.37 5.49
N ILE A 304 20.84 -4.31 4.68
CA ILE A 304 20.01 -5.19 3.85
C ILE A 304 19.18 -6.12 4.75
N LEU A 305 19.82 -6.73 5.76
CA LEU A 305 19.13 -7.62 6.70
C LEU A 305 18.07 -6.86 7.49
N ASN A 306 18.35 -5.60 7.86
CA ASN A 306 17.39 -4.76 8.61
C ASN A 306 16.22 -4.32 7.70
N ILE A 307 16.47 -4.02 6.39
CA ILE A 307 15.39 -3.67 5.45
C ILE A 307 14.53 -4.94 5.20
N ARG A 308 15.18 -6.11 5.11
CA ARG A 308 14.49 -7.39 4.92
C ARG A 308 13.61 -7.71 6.12
N GLN A 309 14.16 -7.55 7.35
CA GLN A 309 13.41 -7.78 8.58
C GLN A 309 12.28 -6.76 8.71
N PHE A 310 12.53 -5.49 8.32
CA PHE A 310 11.53 -4.42 8.39
C PHE A 310 10.41 -4.65 7.37
N GLN A 311 10.77 -4.88 6.10
CA GLN A 311 9.79 -5.06 5.01
C GLN A 311 8.85 -6.24 5.32
N GLY A 312 9.40 -7.35 5.81
CA GLY A 312 8.61 -8.52 6.16
C GLY A 312 7.61 -8.25 7.27
N THR A 313 8.04 -7.50 8.32
CA THR A 313 7.17 -7.13 9.45
C THR A 313 5.98 -6.29 8.97
N GLN A 314 6.24 -5.31 8.07
CA GLN A 314 5.21 -4.44 7.54
C GLN A 314 4.19 -5.20 6.68
N LYS A 315 4.67 -6.10 5.81
CA LYS A 315 3.81 -6.87 4.91
C LYS A 315 2.96 -7.90 5.67
N LEU A 316 3.48 -8.49 6.76
CA LEU A 316 2.71 -9.47 7.55
C LEU A 316 1.63 -8.74 8.36
N ALA A 317 1.99 -7.58 8.95
CA ALA A 317 1.05 -6.75 9.71
C ALA A 317 -0.08 -6.26 8.79
N GLN A 318 0.25 -5.92 7.53
CA GLN A 318 -0.74 -5.50 6.55
C GLN A 318 -1.65 -6.67 6.16
N ALA A 319 -1.05 -7.82 5.84
CA ALA A 319 -1.79 -9.02 5.46
C ALA A 319 -2.72 -9.50 6.58
N ALA A 320 -2.28 -9.36 7.85
CA ALA A 320 -3.10 -9.70 9.01
C ALA A 320 -4.38 -8.85 9.06
N LEU A 321 -4.24 -7.53 8.85
CA LEU A 321 -5.40 -6.63 8.85
C LEU A 321 -6.31 -6.87 7.64
N LEU A 322 -5.73 -7.10 6.44
CA LEU A 322 -6.53 -7.36 5.23
C LEU A 322 -7.25 -8.71 5.32
N TYR A 323 -6.65 -9.69 6.02
CA TYR A 323 -7.27 -11.00 6.24
C TYR A 323 -8.48 -10.84 7.17
N MET A 324 -8.32 -10.06 8.26
CA MET A 324 -9.41 -9.80 9.20
C MET A 324 -10.53 -8.98 8.54
N GLY A 325 -10.16 -8.03 7.68
CA GLY A 325 -11.12 -7.22 6.95
C GLY A 325 -11.88 -8.02 5.90
N SER A 326 -11.19 -8.98 5.25
CA SER A 326 -11.82 -9.82 4.22
C SER A 326 -12.82 -10.81 4.84
N LYS A 327 -12.53 -11.34 6.04
CA LYS A 327 -13.42 -12.28 6.73
C LYS A 327 -14.73 -11.58 7.18
N LEU A 328 -14.64 -10.31 7.61
CA LEU A 328 -15.82 -9.55 8.03
C LEU A 328 -16.72 -9.24 6.83
N THR A 329 -16.13 -8.75 5.71
CA THR A 329 -16.88 -8.44 4.49
C THR A 329 -17.40 -9.72 3.83
N SER A 330 -16.68 -10.86 3.98
CA SER A 330 -17.12 -12.14 3.42
C SER A 330 -18.36 -12.64 4.17
N GLN A 331 -18.34 -12.56 5.52
CA GLN A 331 -19.48 -12.98 6.35
C GLN A 331 -20.69 -12.07 6.10
N ASP A 332 -20.44 -10.75 5.92
CA ASP A 332 -21.47 -9.75 5.63
C ASP A 332 -22.11 -10.02 4.25
N GLU A 333 -21.29 -10.36 3.25
CA GLU A 333 -21.78 -10.63 1.89
C GLU A 333 -22.37 -12.06 1.78
N THR A 334 -21.94 -13.02 2.61
CA THR A 334 -22.47 -14.40 2.58
C THR A 334 -23.96 -14.39 2.97
N LYS A 335 -24.31 -13.66 4.04
CA LYS A 335 -25.71 -13.56 4.49
C LYS A 335 -26.54 -12.70 3.52
N GLU A 336 -25.92 -11.69 2.89
CA GLU A 336 -26.61 -10.80 1.93
C GLU A 336 -26.98 -11.58 0.66
N LEU A 337 -26.02 -12.35 0.09
CA LEU A 337 -26.27 -13.14 -1.13
C LEU A 337 -27.30 -14.26 -0.85
N THR A 338 -27.27 -14.84 0.36
CA THR A 338 -28.23 -15.89 0.75
C THR A 338 -29.64 -15.29 0.87
N ALA A 339 -29.77 -14.05 1.41
CA ALA A 339 -31.05 -13.36 1.54
C ALA A 339 -31.64 -12.98 0.16
N ILE A 340 -30.78 -12.66 -0.83
CA ILE A 340 -31.21 -12.30 -2.18
C ILE A 340 -31.73 -13.57 -2.89
N PHE A 341 -30.98 -14.69 -2.79
CA PHE A 341 -31.37 -15.95 -3.43
C PHE A 341 -32.57 -16.60 -2.72
N HIS A 342 -32.81 -16.27 -1.43
CA HIS A 342 -33.97 -16.80 -0.69
C HIS A 342 -35.26 -16.19 -1.26
N LYS A 343 -35.25 -14.88 -1.55
CA LYS A 343 -36.41 -14.19 -2.12
C LYS A 343 -36.66 -14.63 -3.57
N MET A 344 -35.59 -14.87 -4.35
CA MET A 344 -35.71 -15.32 -5.75
C MET A 344 -36.20 -16.77 -5.86
N ASP A 345 -36.03 -17.60 -4.79
CA ASP A 345 -36.51 -18.99 -4.81
C ASP A 345 -38.05 -18.98 -4.72
N LYS A 346 -38.73 -19.28 -5.84
CA LYS A 346 -40.19 -19.21 -5.91
C LYS A 346 -40.85 -20.41 -5.20
N ASN A 347 -40.51 -21.65 -5.60
CA ASN A 347 -41.13 -22.84 -5.02
C ASN A 347 -40.54 -23.16 -3.63
N GLY A 348 -39.22 -23.04 -3.49
CA GLY A 348 -38.53 -23.31 -2.23
C GLY A 348 -37.80 -24.63 -2.17
N ASP A 349 -37.15 -25.03 -3.28
CA ASP A 349 -36.37 -26.28 -3.34
C ASP A 349 -34.88 -26.04 -3.00
N GLY A 350 -34.49 -24.78 -2.83
CA GLY A 350 -33.11 -24.41 -2.51
C GLY A 350 -32.18 -24.37 -3.72
N GLN A 351 -32.76 -24.39 -4.95
CA GLN A 351 -31.99 -24.38 -6.20
C GLN A 351 -32.44 -23.23 -7.09
N LEU A 352 -31.55 -22.77 -7.99
CA LEU A 352 -31.83 -21.66 -8.91
C LEU A 352 -31.16 -21.92 -10.26
N ASP A 353 -31.68 -21.28 -11.33
CA ASP A 353 -31.12 -21.43 -12.68
C ASP A 353 -29.81 -20.62 -12.81
N ARG A 354 -29.02 -20.92 -13.86
CA ARG A 354 -27.75 -20.20 -14.09
C ARG A 354 -28.00 -18.71 -14.38
N ALA A 355 -29.04 -18.40 -15.17
CA ALA A 355 -29.41 -17.03 -15.52
C ALA A 355 -29.93 -16.26 -14.29
N GLU A 356 -30.61 -16.96 -13.36
CA GLU A 356 -31.11 -16.35 -12.12
C GLU A 356 -29.96 -15.95 -11.20
N LEU A 357 -28.96 -16.84 -11.02
CA LEU A 357 -27.80 -16.58 -10.17
C LEU A 357 -27.05 -15.31 -10.59
N ILE A 358 -27.05 -14.99 -11.90
CA ILE A 358 -26.41 -13.76 -12.40
C ILE A 358 -27.18 -12.52 -11.93
N GLU A 359 -28.53 -12.58 -11.91
CA GLU A 359 -29.35 -11.45 -11.46
C GLU A 359 -29.15 -11.17 -9.96
N GLY A 360 -29.04 -12.24 -9.16
CA GLY A 360 -28.82 -12.12 -7.72
C GLY A 360 -27.41 -11.70 -7.37
N TYR A 361 -26.39 -12.24 -8.08
CA TYR A 361 -24.98 -11.88 -7.84
C TYR A 361 -24.73 -10.42 -8.25
N LYS A 362 -25.39 -9.94 -9.34
CA LYS A 362 -25.28 -8.55 -9.76
C LYS A 362 -26.01 -7.64 -8.77
N GLU A 363 -27.14 -8.11 -8.20
CA GLU A 363 -27.89 -7.36 -7.17
C GLU A 363 -27.02 -7.15 -5.91
N LEU A 364 -26.18 -8.14 -5.57
CA LEU A 364 -25.25 -8.01 -4.43
C LEU A 364 -24.20 -6.92 -4.72
N MET A 365 -23.73 -6.85 -5.97
CA MET A 365 -22.75 -5.83 -6.39
C MET A 365 -23.41 -4.45 -6.48
N ARG A 366 -24.67 -4.38 -6.97
CA ARG A 366 -25.41 -3.11 -7.08
C ARG A 366 -25.68 -2.50 -5.71
N MET A 367 -26.10 -3.33 -4.73
CA MET A 367 -26.37 -2.87 -3.36
C MET A 367 -25.08 -2.39 -2.68
N LYS A 368 -23.96 -3.13 -2.87
CA LYS A 368 -22.66 -2.76 -2.31
C LYS A 368 -21.83 -2.02 -3.37
N GLY A 369 -22.24 -0.80 -3.68
CA GLY A 369 -21.58 0.05 -4.67
C GLY A 369 -21.89 -0.37 -6.10
N LEU A 375 -16.29 -4.82 -12.82
CA LEU A 375 -16.02 -3.79 -13.81
C LEU A 375 -17.29 -3.44 -14.59
N ASP A 376 -18.00 -4.46 -15.12
CA ASP A 376 -19.23 -4.26 -15.89
C ASP A 376 -20.11 -5.54 -15.83
N ALA A 377 -21.22 -5.57 -16.61
CA ALA A 377 -22.12 -6.73 -16.64
C ALA A 377 -21.44 -7.97 -17.24
N SER A 378 -20.59 -7.79 -18.29
CA SER A 378 -19.88 -8.91 -18.93
C SER A 378 -18.92 -9.61 -17.96
N ALA A 379 -18.20 -8.83 -17.13
CA ALA A 379 -17.28 -9.38 -16.12
C ALA A 379 -18.05 -10.04 -14.97
N VAL A 380 -19.24 -9.49 -14.63
CA VAL A 380 -20.10 -10.06 -13.58
C VAL A 380 -20.65 -11.42 -14.05
N GLU A 381 -21.08 -11.51 -15.32
CA GLU A 381 -21.58 -12.76 -15.91
C GLU A 381 -20.46 -13.81 -16.02
N HIS A 382 -19.22 -13.36 -16.31
CA HIS A 382 -18.06 -14.26 -16.41
C HIS A 382 -17.68 -14.81 -15.03
N GLU A 383 -17.79 -13.98 -13.97
CA GLU A 383 -17.46 -14.38 -12.60
C GLU A 383 -18.44 -15.47 -12.11
N VAL A 384 -19.72 -15.37 -12.50
CA VAL A 384 -20.74 -16.37 -12.12
C VAL A 384 -20.45 -17.70 -12.86
N ASP A 385 -20.02 -17.63 -14.14
CA ASP A 385 -19.67 -18.83 -14.91
C ASP A 385 -18.42 -19.50 -14.32
N GLN A 386 -17.45 -18.71 -13.80
CA GLN A 386 -16.24 -19.26 -13.18
C GLN A 386 -16.57 -20.07 -11.91
N VAL A 387 -17.61 -19.66 -11.15
CA VAL A 387 -18.04 -20.39 -9.95
C VAL A 387 -18.82 -21.65 -10.37
N LEU A 388 -19.75 -21.51 -11.33
CA LEU A 388 -20.59 -22.64 -11.79
C LEU A 388 -19.77 -23.76 -12.45
N ASP A 389 -18.60 -23.45 -13.05
CA ASP A 389 -17.74 -24.49 -13.65
C ASP A 389 -17.21 -25.42 -12.56
N ALA A 390 -16.87 -24.87 -11.38
CA ALA A 390 -16.42 -25.67 -10.23
C ALA A 390 -17.63 -26.27 -9.52
N VAL A 391 -18.62 -25.42 -9.16
CA VAL A 391 -19.84 -25.85 -8.48
C VAL A 391 -20.95 -26.10 -9.51
N GLU A 400 -27.53 -26.44 -5.84
CA GLU A 400 -28.01 -25.66 -4.71
C GLU A 400 -27.31 -24.29 -4.67
N TYR A 401 -28.08 -23.21 -4.39
CA TYR A 401 -27.50 -21.86 -4.34
C TYR A 401 -26.65 -21.66 -3.06
N SER A 402 -26.84 -22.50 -2.02
CA SER A 402 -26.04 -22.42 -0.79
C SER A 402 -24.58 -22.79 -1.10
N GLU A 403 -24.37 -23.81 -1.96
CA GLU A 403 -23.03 -24.24 -2.36
C GLU A 403 -22.36 -23.21 -3.27
N PHE A 404 -23.15 -22.49 -4.10
CA PHE A 404 -22.64 -21.44 -5.00
C PHE A 404 -22.02 -20.28 -4.19
N VAL A 405 -22.69 -19.86 -3.11
CA VAL A 405 -22.21 -18.76 -2.25
C VAL A 405 -20.92 -19.19 -1.54
N THR A 406 -20.85 -20.45 -1.06
CA THR A 406 -19.67 -20.97 -0.35
C THR A 406 -18.41 -20.90 -1.25
N VAL A 407 -18.54 -21.26 -2.54
CA VAL A 407 -17.40 -21.22 -3.48
C VAL A 407 -17.11 -19.76 -3.89
N ALA A 408 -18.17 -19.00 -4.25
CA ALA A 408 -18.04 -17.60 -4.70
C ALA A 408 -17.36 -16.70 -3.66
N MET A 409 -17.76 -16.84 -2.39
CA MET A 409 -17.22 -16.02 -1.30
C MET A 409 -15.80 -16.46 -0.89
N ASP A 410 -15.47 -17.77 -1.02
CA ASP A 410 -14.12 -18.25 -0.73
C ASP A 410 -13.14 -17.78 -1.82
N ARG A 411 -13.61 -17.63 -3.08
CA ARG A 411 -12.79 -17.12 -4.18
C ARG A 411 -12.47 -15.63 -3.99
N LYS A 412 -13.37 -14.88 -3.31
CA LYS A 412 -13.15 -13.45 -3.01
C LYS A 412 -12.03 -13.29 -1.96
N THR A 413 -11.97 -14.22 -0.98
CA THR A 413 -10.97 -14.19 0.08
C THR A 413 -9.68 -14.96 -0.29
N LEU A 414 -9.71 -15.77 -1.40
CA LEU A 414 -8.55 -16.57 -1.86
C LEU A 414 -7.24 -15.76 -1.91
N LEU A 415 -7.30 -14.48 -2.30
CA LEU A 415 -6.11 -13.62 -2.38
C LEU A 415 -5.61 -13.24 -0.97
N SER A 416 -6.53 -12.89 -0.05
CA SER A 416 -6.15 -12.48 1.32
C SER A 416 -5.66 -13.68 2.18
N ARG A 417 -6.22 -14.89 1.96
CA ARG A 417 -5.80 -16.09 2.71
C ARG A 417 -4.39 -16.53 2.30
N GLU A 418 -4.11 -16.55 0.99
CA GLU A 418 -2.80 -16.95 0.46
C GLU A 418 -1.72 -15.93 0.80
N ARG A 419 -2.04 -14.61 0.72
CA ARG A 419 -1.09 -13.54 1.03
C ARG A 419 -0.67 -13.58 2.49
N LEU A 420 -1.59 -13.96 3.40
CA LEU A 420 -1.29 -14.08 4.84
C LEU A 420 -0.29 -15.19 5.09
N GLU A 421 -0.52 -16.37 4.51
CA GLU A 421 0.38 -17.50 4.67
C GLU A 421 1.73 -17.19 4.04
N ARG A 422 1.72 -16.66 2.79
CA ARG A 422 2.97 -16.27 2.11
C ARG A 422 3.75 -15.22 2.92
N ALA A 423 3.03 -14.27 3.56
CA ALA A 423 3.68 -13.24 4.39
C ALA A 423 4.26 -13.84 5.67
N PHE A 424 3.53 -14.79 6.29
CA PHE A 424 4.01 -15.47 7.49
C PHE A 424 5.27 -16.28 7.18
N ARG A 425 5.29 -16.97 6.00
CA ARG A 425 6.45 -17.76 5.56
C ARG A 425 7.66 -16.86 5.31
N MET A 426 7.45 -15.68 4.66
CA MET A 426 8.54 -14.74 4.38
C MET A 426 9.06 -14.11 5.68
N PHE A 427 8.15 -13.77 6.61
CA PHE A 427 8.52 -13.20 7.91
C PHE A 427 9.38 -14.21 8.69
N ASP A 428 8.98 -15.49 8.67
CA ASP A 428 9.73 -16.57 9.30
C ASP A 428 10.94 -16.92 8.40
N SER A 429 11.98 -16.07 8.47
CA SER A 429 13.18 -16.20 7.62
C SER A 429 14.03 -17.44 7.96
N ASP A 430 14.03 -17.90 9.23
CA ASP A 430 14.79 -19.09 9.65
C ASP A 430 14.00 -20.41 9.41
N ASN A 431 12.76 -20.31 8.88
CA ASN A 431 11.90 -21.45 8.54
C ASN A 431 11.71 -22.40 9.74
N SER A 432 11.52 -21.84 10.94
CA SER A 432 11.28 -22.63 12.15
C SER A 432 9.80 -23.02 12.25
N GLY A 433 8.94 -22.38 11.45
CA GLY A 433 7.51 -22.61 11.43
C GLY A 433 6.75 -21.85 12.51
N LYS A 434 7.47 -21.20 13.44
CA LYS A 434 6.86 -20.50 14.57
C LYS A 434 7.26 -19.04 14.57
N ILE A 435 6.47 -18.21 15.26
CA ILE A 435 6.71 -16.79 15.45
C ILE A 435 6.66 -16.53 16.97
N SER A 436 7.75 -15.99 17.55
CA SER A 436 7.87 -15.77 19.00
C SER A 436 6.94 -14.66 19.51
N SER A 437 6.80 -14.55 20.85
N SER A 437 6.81 -14.56 20.85
CA SER A 437 5.94 -13.53 21.48
CA SER A 437 5.95 -13.55 21.49
C SER A 437 6.48 -12.11 21.21
C SER A 437 6.48 -12.13 21.24
N THR A 438 7.82 -11.95 21.18
CA THR A 438 8.44 -10.64 20.91
C THR A 438 8.10 -10.20 19.48
N GLU A 439 8.10 -11.16 18.54
CA GLU A 439 7.73 -10.90 17.15
C GLU A 439 6.23 -10.61 17.02
N LEU A 440 5.36 -11.33 17.80
CA LEU A 440 3.91 -11.08 17.78
C LEU A 440 3.61 -9.67 18.26
N ALA A 441 4.27 -9.24 19.35
CA ALA A 441 4.10 -7.89 19.90
C ALA A 441 4.49 -6.82 18.88
N THR A 442 5.52 -7.10 18.06
CA THR A 442 5.95 -6.19 17.00
C THR A 442 4.91 -6.17 15.87
N ILE A 443 4.41 -7.36 15.46
CA ILE A 443 3.40 -7.46 14.40
C ILE A 443 2.10 -6.77 14.84
N PHE A 444 1.58 -7.15 16.02
CA PHE A 444 0.35 -6.58 16.57
C PHE A 444 0.53 -5.11 16.95
N GLY A 445 1.76 -4.71 17.28
CA GLY A 445 2.09 -3.33 17.57
C GLY A 445 1.96 -2.45 16.34
N VAL A 446 2.47 -2.93 15.19
CA VAL A 446 2.36 -2.22 13.90
C VAL A 446 0.87 -2.25 13.43
N SER A 447 0.12 -3.34 13.73
CA SER A 447 -1.29 -3.46 13.34
C SER A 447 -2.25 -2.70 14.30
N ASP A 448 -1.72 -2.10 15.39
CA ASP A 448 -2.49 -1.32 16.38
C ASP A 448 -3.46 -2.20 17.19
N VAL A 449 -3.14 -3.50 17.36
CA VAL A 449 -3.95 -4.39 18.20
C VAL A 449 -3.37 -4.24 19.62
N ASP A 450 -4.21 -3.94 20.61
CA ASP A 450 -3.76 -3.72 22.00
C ASP A 450 -3.09 -5.00 22.56
N SER A 451 -2.02 -4.81 23.36
CA SER A 451 -1.25 -5.91 23.94
C SER A 451 -2.11 -6.86 24.78
N GLU A 452 -3.02 -6.32 25.59
CA GLU A 452 -3.89 -7.14 26.46
C GLU A 452 -4.94 -7.91 25.64
N THR A 453 -5.35 -7.38 24.47
CA THR A 453 -6.39 -8.00 23.65
C THR A 453 -5.87 -9.28 22.98
N TRP A 454 -4.71 -9.23 22.28
CA TRP A 454 -4.22 -10.43 21.58
C TRP A 454 -3.67 -11.48 22.59
N LYS A 455 -3.21 -11.06 23.78
CA LYS A 455 -2.75 -12.01 24.81
C LYS A 455 -3.93 -12.82 25.37
N SER A 456 -5.11 -12.20 25.52
CA SER A 456 -6.32 -12.90 25.98
C SER A 456 -6.80 -13.88 24.89
N VAL A 457 -6.65 -13.48 23.62
CA VAL A 457 -7.04 -14.31 22.46
C VAL A 457 -6.05 -15.50 22.31
N LEU A 458 -4.74 -15.27 22.56
CA LEU A 458 -3.73 -16.32 22.49
C LEU A 458 -4.07 -17.48 23.45
N SER A 459 -4.48 -17.14 24.68
CA SER A 459 -4.85 -18.13 25.70
C SER A 459 -6.15 -18.87 25.34
N GLU A 460 -7.09 -18.22 24.65
CA GLU A 460 -8.34 -18.88 24.24
C GLU A 460 -8.09 -19.76 23.00
N ASP A 462 -5.03 -21.80 22.65
CA ASP A 462 -3.68 -22.28 22.92
C ASP A 462 -3.31 -22.08 24.40
N LYS A 463 -3.63 -23.08 25.26
CA LYS A 463 -3.32 -23.06 26.69
C LYS A 463 -1.91 -23.68 26.98
N ASN A 464 -1.13 -24.02 25.93
CA ASN A 464 0.20 -24.64 26.07
C ASN A 464 1.23 -23.72 26.74
N ASN A 465 1.13 -22.38 26.53
CA ASN A 465 2.06 -21.38 27.07
C ASN A 465 3.50 -21.63 26.52
N ASP A 466 3.60 -21.90 25.21
CA ASP A 466 4.89 -22.18 24.56
C ASP A 466 5.70 -20.88 24.33
N GLY A 467 5.03 -19.74 24.27
CA GLY A 467 5.68 -18.46 23.99
C GLY A 467 5.99 -18.26 22.51
N GLU A 468 5.40 -19.10 21.64
CA GLU A 468 5.58 -19.04 20.19
C GLU A 468 4.35 -19.68 19.54
N VAL A 469 3.97 -19.22 18.32
CA VAL A 469 2.79 -19.75 17.64
C VAL A 469 3.10 -20.11 16.19
N ASP A 470 2.46 -21.16 15.66
CA ASP A 470 2.59 -21.57 14.26
C ASP A 470 1.59 -20.78 13.40
N PHE A 471 1.55 -21.04 12.07
CA PHE A 471 0.63 -20.32 11.18
C PHE A 471 -0.84 -20.55 11.56
N ASP A 472 -1.25 -21.81 11.79
CA ASP A 472 -2.64 -22.12 12.13
C ASP A 472 -3.04 -21.41 13.43
N GLU A 473 -2.17 -21.42 14.45
CA GLU A 473 -2.42 -20.74 15.72
C GLU A 473 -2.49 -19.22 15.51
N PHE A 474 -1.58 -18.66 14.68
CA PHE A 474 -1.59 -17.22 14.36
C PHE A 474 -2.89 -16.85 13.62
N GLN A 475 -3.30 -17.69 12.64
CA GLN A 475 -4.53 -17.46 11.88
C GLN A 475 -5.73 -17.52 12.80
N GLN A 476 -5.77 -18.51 13.72
CA GLN A 476 -6.85 -18.65 14.70
C GLN A 476 -6.98 -17.39 15.57
N MET A 477 -5.83 -16.75 15.95
CA MET A 477 -5.86 -15.52 16.77
C MET A 477 -6.52 -14.39 15.99
N LEU A 478 -6.15 -14.20 14.71
CA LEU A 478 -6.73 -13.17 13.86
C LEU A 478 -8.25 -13.39 13.68
N LEU A 479 -8.68 -14.66 13.55
CA LEU A 479 -10.11 -14.99 13.44
C LEU A 479 -10.85 -14.59 14.71
N LYS A 480 -10.29 -14.89 15.88
CA LYS A 480 -10.89 -14.52 17.17
C LYS A 480 -10.89 -13.00 17.38
N LEU A 481 -9.87 -12.29 16.83
CA LEU A 481 -9.78 -10.82 16.94
C LEU A 481 -10.82 -10.10 16.03
N CYS A 482 -11.50 -10.80 15.12
CA CYS A 482 -12.52 -10.18 14.25
C CYS A 482 -13.89 -10.90 14.42
N GLY A 483 -14.20 -11.30 15.65
CA GLY A 483 -15.48 -11.92 15.98
C GLY A 483 -15.79 -13.24 15.33
N ASN A 484 -14.87 -14.22 15.44
CA ASN A 484 -15.08 -15.58 14.91
C ASN A 484 -14.39 -16.61 15.80
C4 9YG B . 0.67 1.16 -11.48
C5 9YG B . 0.26 1.04 -10.14
C6 9YG B . 0.37 -0.25 -9.57
N1 9YG B . 0.83 -1.35 -10.20
N3 9YG B . 1.13 0.07 -12.13
CAA 9YG B . 1.37 -1.65 -6.95
CAB 9YG B . -0.06 -1.17 -7.19
CAC 9YG B . -0.60 -0.55 -5.91
CAD 9YG B . -0.93 -2.34 -7.60
NAE 9YG B . -0.04 -0.14 -8.29
NAX 9YG B . -0.42 1.16 -8.00
C2 9YG B . 1.17 -1.09 -11.46
NAK 9YG B . 0.69 2.33 -12.15
CAM 9YG B . -0.24 1.86 -9.06
CAN 9YG B . -0.44 3.36 -9.07
CAO 9YG B . -1.61 3.87 -9.84
CAS 9YG B . -2.17 5.19 -9.76
CAT 9YG B . -1.88 6.32 -9.01
CAU 9YG B . -2.60 7.49 -9.22
CAV 9YG B . -3.60 7.55 -10.19
CAW 9YG B . -3.90 6.44 -10.96
CAR 9YG B . -3.19 5.26 -10.74
NAQ 9YG B . -3.25 4.04 -11.36
CAP 9YG B . -2.31 3.21 -10.81
#